data_9EHU
#
_entry.id   9EHU
#
_cell.length_a   85.479
_cell.length_b   85.479
_cell.length_c   162.621
_cell.angle_alpha   90.000
_cell.angle_beta   90.000
_cell.angle_gamma   120.000
#
_symmetry.space_group_name_H-M   'P 31 2 1'
#
loop_
_entity.id
_entity.type
_entity.pdbx_description
1 polymer 'Gamak virus attachment protein head domain'
2 branched 2-acetamido-2-deoxy-beta-D-glucopyranose-(1-4)-2-acetamido-2-deoxy-beta-D-glucopyranose
3 non-polymer 2-acetamido-2-deoxy-beta-D-glucopyranose
4 non-polymer GLYCEROL
5 non-polymer 'SULFATE ION'
6 non-polymer 'MAGNESIUM ION'
7 water water
#
_entity_poly.entity_id   1
_entity_poly.type   'polypeptide(L)'
_entity_poly.pdbx_seq_one_letter_code
;DMRPLNLAELNDCSRYPQTPNPTFAISPDIHPMPELTEPIQLKNHCAVFPTVALGESIYVYSHQIRKTPCKSEDTTHQRV
SLGRIVDRGFSGPRASPLSTWDLQETEFLSSCSVAASGEIGWVLCVTTDKFTRDTVYAGPYTGLKLYKLSIRGQKEEYSI
TANNITTDAVIIALTLTRGSGVPKNNKLIFLGLAAVRDVDTTGVLCPTWKCDNINNNVGSCVHSYRLTADMNNYFMNVVV
AVDVTPTGKMTASVSLLPMSESYIGSEGGVIDKPGGYGLMISNKGWFARIRYGQTDRASPQRYEWTDYMSFETPYYLYCS
GGRICPVSCKTWNFTVPTILNPSGSIIIGVKAKSKTGNSASMITINTPDEVIDQYEVFNDYQSIGSTITKCFSYKRQPWC
LVLLEGVLKSTGVTETSIQTFKIFRSCVKHRTYLDSLGTRFYYTVSDNGNKTKQTYIPGSDTGSGHHHHHHHH
;
_entity_poly.pdbx_strand_id   A
#
# COMPACT_ATOMS: atom_id res chain seq x y z
N ASP A 1 5.88 16.06 -17.84
CA ASP A 1 6.77 14.91 -17.97
C ASP A 1 6.15 13.65 -17.37
N MET A 2 5.32 13.82 -16.33
CA MET A 2 4.75 12.69 -15.62
C MET A 2 3.23 12.77 -15.66
N ARG A 3 2.60 11.65 -15.95
CA ARG A 3 1.15 11.49 -15.94
C ARG A 3 0.80 10.12 -15.40
N PRO A 4 -0.45 9.90 -15.02
CA PRO A 4 -0.86 8.57 -14.60
C PRO A 4 -0.62 7.54 -15.70
N LEU A 5 -0.30 6.33 -15.29
CA LEU A 5 -0.12 5.23 -16.22
C LEU A 5 -1.47 4.86 -16.81
N ASN A 6 -1.56 4.75 -18.13
CA ASN A 6 -2.78 4.31 -18.80
C ASN A 6 -2.74 2.79 -18.88
N LEU A 7 -3.43 2.13 -17.95
CA LEU A 7 -3.32 0.68 -17.83
C LEU A 7 -3.93 -0.04 -19.03
N ALA A 8 -5.04 0.50 -19.56
CA ALA A 8 -5.66 -0.12 -20.74
C ALA A 8 -4.70 -0.11 -21.93
N GLU A 9 -4.10 1.04 -22.20
CA GLU A 9 -3.13 1.14 -23.29
C GLU A 9 -1.95 0.22 -23.05
N LEU A 10 -1.44 0.22 -21.82
CA LEU A 10 -0.26 -0.58 -21.52
C LEU A 10 -0.50 -2.06 -21.79
N ASN A 11 -1.74 -2.53 -21.67
CA ASN A 11 -2.06 -3.93 -21.82
C ASN A 11 -2.78 -4.24 -23.13
N ASP A 12 -2.81 -3.29 -24.06
CA ASP A 12 -3.51 -3.49 -25.33
C ASP A 12 -2.57 -4.21 -26.29
N CYS A 13 -2.65 -5.53 -26.30
CA CYS A 13 -1.91 -6.34 -27.25
C CYS A 13 -2.82 -6.92 -28.33
N SER A 14 -4.01 -6.31 -28.50
CA SER A 14 -5.07 -6.91 -29.32
C SER A 14 -4.81 -6.77 -30.81
N ARG A 15 -4.06 -5.75 -31.23
CA ARG A 15 -3.70 -5.66 -32.63
C ARG A 15 -2.70 -6.72 -33.05
N TYR A 16 -2.17 -7.52 -32.10
CA TYR A 16 -1.12 -8.50 -32.37
C TYR A 16 -1.63 -9.89 -32.04
N PRO A 17 -2.55 -10.42 -32.85
CA PRO A 17 -3.13 -11.74 -32.51
C PRO A 17 -2.10 -12.86 -32.39
N GLN A 18 -0.95 -12.75 -33.07
CA GLN A 18 0.09 -13.76 -32.94
C GLN A 18 0.95 -13.58 -31.70
N THR A 19 0.95 -12.40 -31.08
CA THR A 19 1.67 -12.16 -29.83
C THR A 19 0.74 -11.39 -28.90
N PRO A 20 -0.34 -12.01 -28.43
CA PRO A 20 -1.45 -11.27 -27.84
C PRO A 20 -1.35 -11.06 -26.33
N ASN A 21 -0.32 -11.57 -25.67
CA ASN A 21 -0.27 -11.59 -24.21
C ASN A 21 0.64 -10.48 -23.70
N PRO A 22 0.15 -9.53 -22.93
CA PRO A 22 1.05 -8.51 -22.37
C PRO A 22 1.95 -9.13 -21.32
N THR A 23 3.20 -8.68 -21.31
CA THR A 23 4.08 -9.05 -20.21
C THR A 23 5.04 -7.91 -19.93
N PHE A 24 5.77 -8.04 -18.82
CA PHE A 24 6.58 -6.95 -18.30
C PHE A 24 7.91 -7.48 -17.76
N ALA A 25 8.94 -6.66 -17.88
CA ALA A 25 10.25 -6.96 -17.33
C ALA A 25 10.75 -5.74 -16.56
N ILE A 26 11.63 -5.99 -15.60
CA ILE A 26 12.18 -4.93 -14.75
C ILE A 26 13.48 -4.44 -15.38
N SER A 27 13.60 -3.13 -15.54
CA SER A 27 14.84 -2.56 -16.04
C SER A 27 15.93 -2.65 -14.98
N PRO A 28 17.17 -2.94 -15.36
CA PRO A 28 18.21 -3.27 -14.37
C PRO A 28 18.73 -2.12 -13.52
N ASP A 29 18.30 -0.87 -13.70
CA ASP A 29 18.95 0.26 -13.05
C ASP A 29 17.99 0.99 -12.11
N ILE A 30 18.43 1.21 -10.87
CA ILE A 30 17.65 1.91 -9.86
C ILE A 30 18.18 3.33 -9.73
N HIS A 31 17.29 4.32 -9.77
CA HIS A 31 17.68 5.71 -9.83
C HIS A 31 17.20 6.44 -8.59
N PRO A 32 18.01 7.32 -8.04
CA PRO A 32 17.67 7.99 -6.78
C PRO A 32 16.75 9.17 -7.02
N MET A 33 16.03 9.55 -5.95
CA MET A 33 15.34 10.84 -5.88
C MET A 33 15.85 11.53 -4.62
N PRO A 34 17.04 12.16 -4.70
CA PRO A 34 17.68 12.64 -3.46
C PRO A 34 16.86 13.66 -2.69
N GLU A 35 16.06 14.48 -3.39
CA GLU A 35 15.28 15.50 -2.70
C GLU A 35 14.11 14.93 -1.92
N LEU A 36 13.76 13.66 -2.13
CA LEU A 36 12.68 13.02 -1.39
C LEU A 36 13.21 11.98 -0.39
N THR A 37 14.51 12.01 -0.12
CA THR A 37 15.15 11.00 0.71
C THR A 37 15.78 11.71 1.89
N GLU A 38 15.58 11.16 3.10
CA GLU A 38 16.09 11.84 4.28
C GLU A 38 16.13 10.87 5.45
N PRO A 39 16.99 11.11 6.42
CA PRO A 39 16.98 10.29 7.64
C PRO A 39 15.71 10.51 8.44
N ILE A 40 15.37 9.50 9.24
CA ILE A 40 14.23 9.61 10.15
C ILE A 40 14.48 10.72 11.17
N GLN A 41 15.70 10.77 11.72
CA GLN A 41 16.03 11.72 12.78
C GLN A 41 17.03 12.75 12.27
N LEU A 42 16.75 14.02 12.52
CA LEU A 42 17.69 15.09 12.19
C LEU A 42 17.45 16.26 13.15
N LYS A 43 18.52 16.72 13.80
CA LYS A 43 18.50 17.93 14.63
C LYS A 43 17.24 18.07 15.47
N ASN A 44 17.04 17.19 16.45
CA ASN A 44 16.00 17.26 17.47
C ASN A 44 14.58 16.95 16.97
N HIS A 45 14.41 16.56 15.70
CA HIS A 45 13.11 16.21 15.15
C HIS A 45 13.21 14.83 14.51
N CYS A 46 12.08 14.12 14.49
CA CYS A 46 11.93 12.88 13.71
C CYS A 46 10.79 13.07 12.72
N ALA A 47 10.93 12.44 11.55
CA ALA A 47 9.93 12.49 10.49
C ALA A 47 9.54 11.06 10.18
N VAL A 48 8.32 10.66 10.57
CA VAL A 48 7.93 9.26 10.56
C VAL A 48 6.66 9.09 9.72
N PHE A 49 6.30 7.83 9.50
CA PHE A 49 5.07 7.45 8.81
C PHE A 49 4.97 8.09 7.42
N PRO A 50 5.96 7.93 6.56
CA PRO A 50 5.90 8.58 5.25
C PRO A 50 4.77 8.06 4.38
N THR A 51 4.20 8.97 3.58
CA THR A 51 3.09 8.65 2.69
C THR A 51 3.22 9.55 1.48
N VAL A 52 2.94 8.99 0.29
CA VAL A 52 3.10 9.72 -0.97
C VAL A 52 1.93 9.45 -1.88
N ALA A 53 1.54 10.46 -2.66
CA ALA A 53 0.54 10.32 -3.70
C ALA A 53 1.03 10.99 -4.98
N LEU A 54 0.54 10.50 -6.11
CA LEU A 54 0.88 11.05 -7.43
C LEU A 54 -0.37 11.47 -8.17
N GLY A 55 -0.28 12.64 -8.82
CA GLY A 55 -1.38 13.11 -9.64
C GLY A 55 -0.97 13.38 -11.07
N GLU A 56 -1.53 14.43 -11.67
CA GLU A 56 -1.11 14.88 -12.99
C GLU A 56 0.09 15.79 -12.80
N SER A 57 1.30 15.26 -13.05
CA SER A 57 2.54 16.00 -12.89
C SER A 57 3.01 16.11 -11.44
N ILE A 58 2.08 16.21 -10.47
CA ILE A 58 2.45 16.51 -9.10
C ILE A 58 2.64 15.24 -8.27
N TYR A 59 3.44 15.39 -7.22
CA TYR A 59 3.43 14.48 -6.08
C TYR A 59 3.04 15.25 -4.82
N VAL A 60 2.50 14.51 -3.86
CA VAL A 60 2.19 14.99 -2.53
C VAL A 60 2.89 14.06 -1.56
N TYR A 61 3.71 14.60 -0.67
CA TYR A 61 4.56 13.80 0.21
C TYR A 61 4.42 14.31 1.64
N SER A 62 4.30 13.39 2.59
CA SER A 62 4.02 13.83 3.96
C SER A 62 4.67 12.93 4.99
N HIS A 63 5.04 13.52 6.13
CA HIS A 63 5.57 12.81 7.29
C HIS A 63 4.95 13.42 8.54
N GLN A 64 4.77 12.59 9.57
CA GLN A 64 4.43 13.09 10.89
C GLN A 64 5.71 13.53 11.59
N ILE A 65 5.71 14.76 12.12
CA ILE A 65 6.92 15.32 12.72
C ILE A 65 6.79 15.29 14.24
N ARG A 66 7.84 14.82 14.90
CA ARG A 66 7.90 14.76 16.35
C ARG A 66 9.19 15.41 16.82
N LYS A 67 9.14 15.99 18.02
CA LYS A 67 10.32 16.56 18.64
C LYS A 67 10.89 15.60 19.67
N THR A 68 11.95 16.05 20.34
CA THR A 68 12.36 15.52 21.64
C THR A 68 12.62 14.03 21.47
N PRO A 69 12.30 13.16 22.44
CA PRO A 69 12.62 11.73 22.25
C PRO A 69 11.74 11.05 21.22
N CYS A 70 10.81 11.75 20.59
CA CYS A 70 10.06 11.24 19.44
C CYS A 70 9.05 10.16 19.80
N LYS A 71 8.51 10.21 21.01
CA LYS A 71 7.36 9.39 21.33
C LYS A 71 6.12 9.95 20.64
N SER A 72 5.04 9.18 20.65
CA SER A 72 3.80 9.63 20.01
C SER A 72 3.37 11.00 20.53
N GLU A 73 3.42 11.18 21.85
CA GLU A 73 2.98 12.42 22.49
C GLU A 73 3.86 13.63 22.14
N ASP A 74 5.02 13.42 21.52
CA ASP A 74 5.91 14.49 21.07
C ASP A 74 5.61 14.94 19.65
N THR A 75 4.54 14.46 19.04
CA THR A 75 4.16 14.89 17.70
C THR A 75 3.77 16.36 17.73
N THR A 76 4.35 17.14 16.83
CA THR A 76 4.13 18.59 16.81
C THR A 76 3.41 19.10 15.57
N HIS A 77 3.53 18.43 14.42
CA HIS A 77 2.84 18.89 13.23
C HIS A 77 2.98 17.83 12.15
N GLN A 78 2.20 17.98 11.09
CA GLN A 78 2.29 17.15 9.90
C GLN A 78 2.96 17.97 8.81
N ARG A 79 4.11 17.50 8.33
CA ARG A 79 4.78 18.17 7.23
C ARG A 79 4.23 17.60 5.92
N VAL A 80 3.87 18.50 5.00
CA VAL A 80 3.39 18.10 3.68
C VAL A 80 4.14 18.91 2.65
N SER A 81 4.58 18.25 1.59
CA SER A 81 5.17 18.98 0.48
C SER A 81 4.49 18.59 -0.82
N LEU A 82 4.43 19.54 -1.74
CA LEU A 82 3.87 19.32 -3.05
C LEU A 82 4.91 19.77 -4.07
N GLY A 83 5.12 18.95 -5.10
CA GLY A 83 6.05 19.31 -6.13
C GLY A 83 5.70 18.63 -7.44
N ARG A 84 6.58 18.72 -8.43
CA ARG A 84 6.39 18.02 -9.68
C ARG A 84 7.46 16.96 -9.86
N ILE A 85 7.10 15.91 -10.60
CA ILE A 85 8.05 14.89 -11.03
C ILE A 85 8.48 15.28 -12.43
N VAL A 86 9.77 15.58 -12.60
CA VAL A 86 10.26 16.23 -13.82
C VAL A 86 11.53 15.57 -14.31
N ASP A 87 11.85 15.85 -15.58
CA ASP A 87 13.13 15.47 -16.15
C ASP A 87 14.12 16.60 -15.92
N ARG A 88 15.24 16.29 -15.26
CA ARG A 88 16.32 17.25 -15.06
C ARG A 88 17.61 16.81 -15.75
N GLY A 89 17.52 16.00 -16.79
CA GLY A 89 18.69 15.55 -17.51
C GLY A 89 19.36 14.31 -16.97
N PHE A 90 18.78 13.64 -15.99
CA PHE A 90 19.34 12.41 -15.47
C PHE A 90 18.65 11.22 -16.13
N SER A 91 19.12 10.02 -15.80
CA SER A 91 18.54 8.80 -16.35
C SER A 91 17.19 8.46 -15.74
N GLY A 92 16.89 9.01 -14.56
CA GLY A 92 15.60 8.83 -13.95
C GLY A 92 14.99 10.17 -13.60
N PRO A 93 13.69 10.18 -13.28
CA PRO A 93 13.01 11.43 -12.96
C PRO A 93 13.56 12.02 -11.67
N ARG A 94 13.25 13.29 -11.45
CA ARG A 94 13.63 13.99 -10.22
C ARG A 94 12.42 14.74 -9.68
N ALA A 95 12.49 15.09 -8.39
CA ALA A 95 11.46 15.91 -7.77
C ALA A 95 11.84 17.39 -7.90
N SER A 96 10.83 18.21 -8.14
CA SER A 96 10.96 19.67 -8.09
C SER A 96 9.99 20.14 -7.01
N PRO A 97 10.43 20.28 -5.76
CA PRO A 97 9.51 20.72 -4.70
C PRO A 97 9.06 22.15 -4.95
N LEU A 98 7.77 22.40 -4.73
CA LEU A 98 7.18 23.72 -4.95
C LEU A 98 6.68 24.36 -3.68
N SER A 99 6.04 23.60 -2.79
CA SER A 99 5.51 24.17 -1.55
C SER A 99 5.65 23.14 -0.43
N THR A 100 5.98 23.63 0.76
CA THR A 100 6.01 22.83 1.99
C THR A 100 5.10 23.49 3.01
N TRP A 101 4.28 22.68 3.68
CA TRP A 101 3.40 23.14 4.74
C TRP A 101 3.69 22.39 6.04
N ASP A 102 3.44 23.05 7.16
CA ASP A 102 3.48 22.43 8.48
C ASP A 102 2.09 22.57 9.08
N LEU A 103 1.30 21.51 9.00
CA LEU A 103 -0.11 21.54 9.39
C LEU A 103 -0.22 21.19 10.86
N GLN A 104 -0.98 21.99 11.61
CA GLN A 104 -1.07 21.70 13.04
C GLN A 104 -2.29 22.39 13.61
N GLU A 105 -2.73 21.90 14.77
CA GLU A 105 -3.83 22.51 15.51
C GLU A 105 -3.68 22.09 16.96
N THR A 106 -4.66 22.43 17.79
CA THR A 106 -4.57 22.06 19.21
C THR A 106 -4.62 20.55 19.36
N GLU A 107 -5.54 19.90 18.68
CA GLU A 107 -5.57 18.45 18.68
C GLU A 107 -4.42 17.90 17.85
N PHE A 108 -4.05 16.64 18.15
CA PHE A 108 -3.05 15.96 17.33
C PHE A 108 -3.67 15.55 16.00
N LEU A 109 -2.89 15.69 14.93
CA LEU A 109 -3.20 15.01 13.68
C LEU A 109 -2.52 13.64 13.81
N SER A 110 -3.23 12.69 14.42
CA SER A 110 -2.55 11.47 14.87
C SER A 110 -2.20 10.55 13.70
N SER A 111 -2.95 10.62 12.61
CA SER A 111 -2.68 9.72 11.49
C SER A 111 -3.19 10.39 10.22
N CYS A 112 -2.31 10.53 9.23
CA CYS A 112 -2.66 11.24 8.00
C CYS A 112 -2.24 10.43 6.79
N SER A 113 -3.00 10.57 5.71
CA SER A 113 -2.59 10.04 4.43
C SER A 113 -2.92 11.07 3.37
N VAL A 114 -2.40 10.87 2.17
CA VAL A 114 -2.48 11.88 1.12
C VAL A 114 -3.15 11.30 -0.13
N ALA A 115 -3.67 12.20 -0.96
CA ALA A 115 -4.22 11.84 -2.25
C ALA A 115 -3.96 13.00 -3.20
N ALA A 116 -4.03 12.71 -4.49
CA ALA A 116 -3.86 13.76 -5.49
C ALA A 116 -4.91 13.60 -6.58
N SER A 117 -5.44 14.72 -7.05
CA SER A 117 -6.38 14.70 -8.18
C SER A 117 -5.99 15.86 -9.08
N GLY A 118 -5.53 15.54 -10.28
CA GLY A 118 -5.01 16.58 -11.15
C GLY A 118 -3.80 17.21 -10.51
N GLU A 119 -3.85 18.53 -10.30
CA GLU A 119 -2.78 19.23 -9.61
C GLU A 119 -3.20 19.72 -8.22
N ILE A 120 -4.20 19.08 -7.63
CA ILE A 120 -4.67 19.39 -6.27
C ILE A 120 -4.22 18.27 -5.35
N GLY A 121 -3.62 18.65 -4.22
CA GLY A 121 -3.24 17.71 -3.18
C GLY A 121 -4.27 17.71 -2.06
N TRP A 122 -4.47 16.54 -1.45
CA TRP A 122 -5.37 16.39 -0.31
C TRP A 122 -4.63 15.68 0.81
N VAL A 123 -4.86 16.12 2.04
CA VAL A 123 -4.32 15.45 3.22
C VAL A 123 -5.50 15.16 4.13
N LEU A 124 -5.75 13.89 4.42
CA LEU A 124 -6.79 13.49 5.36
C LEU A 124 -6.13 13.02 6.65
N CYS A 125 -6.61 13.51 7.80
CA CYS A 125 -6.01 13.17 9.08
C CYS A 125 -7.07 12.81 10.09
N VAL A 126 -6.78 11.80 10.89
CA VAL A 126 -7.56 11.52 12.09
C VAL A 126 -7.09 12.46 13.18
N THR A 127 -8.02 13.05 13.93
CA THR A 127 -7.67 13.95 15.01
C THR A 127 -7.93 13.28 16.35
N THR A 128 -7.09 13.59 17.34
CA THR A 128 -7.27 13.10 18.70
C THR A 128 -6.81 14.17 19.70
N ASP A 129 -7.43 14.15 20.89
CA ASP A 129 -7.02 15.08 21.94
C ASP A 129 -5.68 14.67 22.53
N LYS A 130 -5.45 13.36 22.63
CA LYS A 130 -4.21 12.81 23.14
C LYS A 130 -3.72 11.73 22.19
N PHE A 131 -2.42 11.69 21.99
CA PHE A 131 -1.80 10.75 21.07
C PHE A 131 -0.71 10.02 21.82
N THR A 132 -0.87 8.71 21.98
CA THR A 132 0.09 7.87 22.70
C THR A 132 0.33 6.61 21.89
N ARG A 133 1.26 5.77 22.37
CA ARG A 133 1.50 4.48 21.75
C ARG A 133 0.23 3.64 21.66
N ASP A 134 -0.78 3.92 22.48
CA ASP A 134 -1.97 3.09 22.51
C ASP A 134 -3.09 3.61 21.61
N THR A 135 -2.92 4.79 21.02
CA THR A 135 -4.02 5.38 20.26
C THR A 135 -4.44 4.47 19.12
N VAL A 136 -3.48 3.83 18.46
CA VAL A 136 -3.81 3.00 17.31
C VAL A 136 -4.68 1.81 17.72
N TYR A 137 -4.51 1.31 18.95
CA TYR A 137 -5.21 0.11 19.39
C TYR A 137 -6.50 0.40 20.15
N ALA A 138 -6.61 1.57 20.78
CA ALA A 138 -7.74 1.81 21.66
C ALA A 138 -8.25 3.24 21.65
N GLY A 139 -7.71 4.11 20.82
CA GLY A 139 -8.23 5.45 20.72
C GLY A 139 -7.94 6.23 21.99
N PRO A 140 -8.76 7.23 22.25
CA PRO A 140 -9.93 7.63 21.47
C PRO A 140 -9.52 8.47 20.27
N TYR A 141 -10.48 8.82 19.41
CA TYR A 141 -10.25 9.79 18.37
C TYR A 141 -11.47 10.71 18.29
N THR A 142 -11.25 11.93 17.83
CA THR A 142 -12.29 12.94 17.86
C THR A 142 -12.94 13.23 16.51
N GLY A 143 -12.31 12.84 15.40
CA GLY A 143 -12.91 13.10 14.11
C GLY A 143 -11.87 13.08 13.01
N LEU A 144 -12.17 13.77 11.92
CA LEU A 144 -11.29 13.85 10.76
C LEU A 144 -11.07 15.30 10.39
N LYS A 145 -9.93 15.58 9.77
CA LYS A 145 -9.60 16.89 9.24
C LYS A 145 -9.06 16.70 7.84
N LEU A 146 -9.52 17.51 6.90
CA LEU A 146 -9.17 17.39 5.49
C LEU A 146 -8.60 18.71 5.01
N TYR A 147 -7.42 18.66 4.39
CA TYR A 147 -6.74 19.83 3.87
C TYR A 147 -6.68 19.74 2.35
N LYS A 148 -6.98 20.85 1.68
CA LYS A 148 -6.92 20.94 0.22
C LYS A 148 -5.76 21.85 -0.12
N LEU A 149 -4.82 21.36 -0.92
CA LEU A 149 -3.58 22.08 -1.18
C LEU A 149 -3.36 22.21 -2.70
N SER A 150 -2.87 23.37 -3.12
CA SER A 150 -2.42 23.57 -4.50
C SER A 150 -0.99 24.12 -4.49
N ILE A 151 -0.44 24.31 -5.68
CA ILE A 151 0.93 24.81 -5.79
C ILE A 151 1.07 26.17 -5.12
N ARG A 152 0.07 27.03 -5.28
CA ARG A 152 0.18 28.39 -4.75
C ARG A 152 0.16 28.40 -3.23
N GLY A 153 -0.71 27.60 -2.64
CA GLY A 153 -0.78 27.51 -1.20
C GLY A 153 -1.95 26.65 -0.78
N GLN A 154 -2.20 26.66 0.53
CA GLN A 154 -3.39 25.99 1.03
C GLN A 154 -4.62 26.68 0.47
N LYS A 155 -5.63 25.87 0.13
CA LYS A 155 -6.88 26.42 -0.36
C LYS A 155 -7.97 26.39 0.69
N GLU A 156 -8.11 25.28 1.40
CA GLU A 156 -9.24 25.11 2.30
C GLU A 156 -8.93 24.03 3.32
N GLU A 157 -9.62 24.10 4.45
CA GLU A 157 -9.62 23.07 5.47
C GLU A 157 -11.05 22.72 5.80
N TYR A 158 -11.30 21.44 6.06
CA TYR A 158 -12.61 20.96 6.47
C TYR A 158 -12.45 20.00 7.65
N SER A 159 -13.50 19.86 8.44
CA SER A 159 -13.45 18.92 9.54
C SER A 159 -14.83 18.32 9.80
N ILE A 160 -14.82 17.17 10.48
CA ILE A 160 -16.03 16.48 10.90
C ILE A 160 -15.74 15.75 12.21
N THR A 161 -16.68 15.83 13.16
CA THR A 161 -16.52 15.14 14.43
C THR A 161 -16.88 13.67 14.28
N ALA A 162 -16.28 12.84 15.15
CA ALA A 162 -16.46 11.40 15.06
C ALA A 162 -17.95 11.01 15.07
N ASN A 163 -18.74 11.69 15.89
CA ASN A 163 -20.15 11.36 16.03
C ASN A 163 -20.94 11.61 14.75
N ASN A 164 -20.41 12.41 13.82
CA ASN A 164 -21.08 12.71 12.57
C ASN A 164 -20.59 11.85 11.41
N ILE A 165 -19.64 10.96 11.64
CA ILE A 165 -19.19 10.03 10.62
C ILE A 165 -20.14 8.84 10.60
N THR A 166 -20.63 8.49 9.43
CA THR A 166 -21.51 7.33 9.31
C THR A 166 -20.66 6.07 9.30
N THR A 167 -20.98 5.13 10.17
CA THR A 167 -20.18 3.92 10.33
C THR A 167 -21.11 2.71 10.39
N ASP A 168 -20.59 1.56 9.96
CA ASP A 168 -21.31 0.29 10.10
C ASP A 168 -20.66 -0.62 11.12
N ALA A 169 -19.85 -0.07 12.01
CA ALA A 169 -19.23 -0.85 13.07
C ALA A 169 -18.95 0.06 14.26
N VAL A 170 -18.71 -0.57 15.40
CA VAL A 170 -18.40 0.13 16.63
C VAL A 170 -16.90 0.37 16.61
N ILE A 171 -16.49 1.60 16.30
CA ILE A 171 -15.10 1.95 16.04
C ILE A 171 -14.54 2.70 17.24
N ILE A 172 -13.53 2.11 17.88
CA ILE A 172 -12.90 2.68 19.07
C ILE A 172 -11.61 3.43 18.76
N ALA A 173 -10.95 3.11 17.65
CA ALA A 173 -9.72 3.77 17.25
C ALA A 173 -9.67 3.74 15.74
N LEU A 174 -9.09 4.78 15.15
CA LEU A 174 -9.06 4.88 13.70
C LEU A 174 -7.71 5.44 13.29
N THR A 175 -7.06 4.77 12.35
CA THR A 175 -5.76 5.15 11.83
C THR A 175 -5.84 4.99 10.31
N LEU A 176 -5.09 5.81 9.58
CA LEU A 176 -5.07 5.68 8.14
C LEU A 176 -3.81 4.92 7.74
N THR A 177 -3.91 4.09 6.70
CA THR A 177 -2.71 3.40 6.23
C THR A 177 -1.79 4.38 5.50
N ARG A 178 -0.54 3.95 5.31
CA ARG A 178 0.45 4.78 4.62
C ARG A 178 0.20 4.88 3.13
N GLY A 179 -0.50 3.92 2.53
CA GLY A 179 -0.85 4.04 1.13
C GLY A 179 -1.75 5.23 0.88
N SER A 180 -1.65 5.78 -0.33
CA SER A 180 -2.44 6.96 -0.66
C SER A 180 -3.92 6.60 -0.80
N GLY A 181 -4.74 7.65 -0.74
CA GLY A 181 -6.12 7.54 -1.12
C GLY A 181 -6.27 7.85 -2.60
N VAL A 182 -7.52 7.74 -3.07
CA VAL A 182 -7.79 7.92 -4.49
C VAL A 182 -9.04 8.79 -4.66
N PRO A 183 -9.03 9.75 -5.56
CA PRO A 183 -10.27 10.48 -5.88
C PRO A 183 -11.12 9.63 -6.81
N LYS A 184 -12.36 9.38 -6.41
CA LYS A 184 -13.25 8.54 -7.21
C LYS A 184 -14.65 9.11 -7.11
N ASN A 185 -15.28 9.32 -8.27
CA ASN A 185 -16.55 10.06 -8.30
C ASN A 185 -16.23 11.45 -7.72
N ASN A 186 -17.08 11.99 -6.85
CA ASN A 186 -16.77 13.22 -6.15
C ASN A 186 -16.32 12.97 -4.72
N LYS A 187 -15.62 11.86 -4.48
CA LYS A 187 -15.18 11.49 -3.13
C LYS A 187 -13.68 11.21 -3.13
N LEU A 188 -13.12 11.12 -1.93
CA LEU A 188 -11.78 10.61 -1.70
C LEU A 188 -11.92 9.32 -0.89
N ILE A 189 -11.24 8.27 -1.31
CA ILE A 189 -11.35 6.94 -0.70
C ILE A 189 -9.98 6.56 -0.16
N PHE A 190 -9.93 6.25 1.15
CA PHE A 190 -8.70 5.89 1.83
C PHE A 190 -8.89 4.57 2.55
N LEU A 191 -7.79 3.83 2.72
CA LEU A 191 -7.77 2.63 3.53
C LEU A 191 -7.39 2.99 4.97
N GLY A 192 -8.08 2.38 5.93
CA GLY A 192 -7.83 2.65 7.33
C GLY A 192 -7.66 1.36 8.12
N LEU A 193 -7.22 1.54 9.36
CA LEU A 193 -7.06 0.46 10.33
C LEU A 193 -7.82 0.89 11.58
N ALA A 194 -8.76 0.05 12.02
CA ALA A 194 -9.65 0.42 13.12
C ALA A 194 -9.64 -0.66 14.19
N ALA A 195 -9.77 -0.23 15.44
CA ALA A 195 -10.11 -1.12 16.54
C ALA A 195 -11.64 -1.16 16.66
N VAL A 196 -12.21 -2.36 16.63
CA VAL A 196 -13.64 -2.52 16.43
C VAL A 196 -14.23 -3.50 17.44
N ARG A 197 -15.44 -3.21 17.88
CA ARG A 197 -16.16 -4.10 18.80
C ARG A 197 -17.35 -4.73 18.10
N ASP A 198 -17.81 -5.85 18.68
CA ASP A 198 -19.13 -6.43 18.36
C ASP A 198 -19.23 -6.87 16.91
N VAL A 199 -18.15 -7.35 16.32
CA VAL A 199 -18.14 -7.62 14.88
C VAL A 199 -18.77 -8.97 14.59
N ASP A 200 -19.28 -9.09 13.37
CA ASP A 200 -19.78 -10.36 12.86
C ASP A 200 -18.60 -11.23 12.45
N THR A 201 -18.60 -12.51 12.86
CA THR A 201 -17.54 -13.42 12.44
C THR A 201 -17.96 -14.41 11.37
N THR A 202 -19.21 -14.35 10.92
CA THR A 202 -19.71 -15.30 9.94
C THR A 202 -18.83 -15.30 8.69
N GLY A 203 -18.42 -16.49 8.27
CA GLY A 203 -17.64 -16.62 7.06
C GLY A 203 -16.19 -16.21 7.18
N VAL A 204 -15.67 -16.08 8.41
CA VAL A 204 -14.28 -15.65 8.62
C VAL A 204 -13.35 -16.49 7.75
N LEU A 205 -12.45 -15.81 7.03
CA LEU A 205 -11.54 -16.53 6.17
C LEU A 205 -10.67 -17.44 7.01
N CYS A 206 -10.68 -18.72 6.70
CA CYS A 206 -10.04 -19.66 7.61
C CYS A 206 -9.89 -21.00 6.91
N PRO A 207 -8.70 -21.60 6.90
CA PRO A 207 -8.54 -22.88 6.22
C PRO A 207 -9.30 -23.98 6.95
N THR A 208 -9.70 -25.00 6.19
CA THR A 208 -10.35 -26.16 6.77
C THR A 208 -9.43 -27.37 6.93
N TRP A 209 -8.22 -27.31 6.38
CA TRP A 209 -7.27 -28.40 6.60
C TRP A 209 -6.77 -28.39 8.04
N LYS A 210 -6.05 -29.46 8.41
CA LYS A 210 -5.58 -29.63 9.77
C LYS A 210 -4.40 -28.71 10.03
N CYS A 211 -4.42 -28.03 11.17
CA CYS A 211 -3.37 -27.12 11.59
C CYS A 211 -2.81 -27.60 12.93
N ASP A 212 -1.48 -27.48 13.07
CA ASP A 212 -0.77 -28.11 14.17
C ASP A 212 -1.34 -27.73 15.53
N ASN A 213 -1.75 -28.74 16.29
CA ASN A 213 -2.20 -28.57 17.67
C ASN A 213 -3.42 -27.65 17.76
N ILE A 214 -4.31 -27.75 16.78
CA ILE A 214 -5.53 -26.95 16.75
C ILE A 214 -6.67 -27.81 16.24
N ASN A 215 -7.75 -27.89 17.02
CA ASN A 215 -8.99 -28.52 16.55
C ASN A 215 -10.00 -27.53 16.04
N ASN A 216 -10.05 -26.32 16.62
CA ASN A 216 -11.00 -25.27 16.24
C ASN A 216 -10.24 -24.22 15.44
N ASN A 217 -10.11 -24.45 14.12
CA ASN A 217 -9.49 -23.45 13.27
C ASN A 217 -10.22 -22.12 13.35
N VAL A 218 -11.55 -22.15 13.35
CA VAL A 218 -12.32 -20.91 13.30
C VAL A 218 -12.01 -20.03 14.49
N GLY A 219 -11.96 -20.62 15.69
CA GLY A 219 -11.65 -19.84 16.87
C GLY A 219 -10.27 -19.21 16.81
N SER A 220 -9.29 -19.96 16.30
CA SER A 220 -7.95 -19.41 16.15
C SER A 220 -7.93 -18.27 15.14
N CYS A 221 -8.70 -18.41 14.06
CA CYS A 221 -8.77 -17.34 13.06
C CYS A 221 -9.35 -16.07 13.67
N VAL A 222 -10.45 -16.19 14.39
CA VAL A 222 -11.09 -15.03 15.00
C VAL A 222 -10.17 -14.40 16.05
N HIS A 223 -9.54 -15.24 16.88
CA HIS A 223 -8.69 -14.72 17.93
C HIS A 223 -7.50 -13.95 17.36
N SER A 224 -7.05 -14.31 16.16
CA SER A 224 -5.83 -13.71 15.62
C SER A 224 -6.06 -12.30 15.09
N TYR A 225 -7.30 -11.79 15.10
CA TYR A 225 -7.52 -10.38 14.83
C TYR A 225 -7.27 -9.49 16.03
N ARG A 226 -7.02 -10.07 17.20
CA ARG A 226 -6.94 -9.28 18.43
C ARG A 226 -5.50 -8.96 18.77
N LEU A 227 -5.26 -7.70 19.15
CA LEU A 227 -3.94 -7.24 19.51
C LEU A 227 -3.79 -6.89 20.98
N THR A 228 -4.87 -6.88 21.75
CA THR A 228 -4.82 -6.46 23.14
C THR A 228 -5.50 -7.51 24.02
N ALA A 229 -5.45 -7.27 25.33
CA ALA A 229 -6.12 -8.13 26.30
C ALA A 229 -7.64 -7.99 26.27
N ASP A 230 -8.17 -6.98 25.58
CA ASP A 230 -9.60 -6.77 25.45
C ASP A 230 -10.14 -7.79 24.46
N MET A 231 -10.96 -8.73 24.93
CA MET A 231 -11.47 -9.77 24.05
C MET A 231 -12.52 -9.26 23.08
N ASN A 232 -13.02 -8.05 23.25
CA ASN A 232 -14.01 -7.46 22.34
C ASN A 232 -13.40 -6.26 21.61
N ASN A 233 -12.17 -6.41 21.13
CA ASN A 233 -11.47 -5.36 20.39
C ASN A 233 -10.70 -6.06 19.27
N TYR A 234 -11.22 -5.97 18.05
CA TYR A 234 -10.63 -6.62 16.89
C TYR A 234 -10.02 -5.56 15.99
N PHE A 235 -8.83 -5.83 15.49
CA PHE A 235 -8.11 -4.88 14.66
C PHE A 235 -8.39 -5.24 13.21
N MET A 236 -9.05 -4.32 12.48
CA MET A 236 -9.55 -4.65 11.16
C MET A 236 -9.34 -3.47 10.22
N ASN A 237 -9.37 -3.76 8.92
CA ASN A 237 -9.28 -2.70 7.94
C ASN A 237 -10.65 -2.11 7.70
N VAL A 238 -10.67 -0.82 7.38
CA VAL A 238 -11.88 -0.10 7.03
C VAL A 238 -11.61 0.72 5.78
N VAL A 239 -12.69 1.09 5.09
CA VAL A 239 -12.64 2.00 3.96
C VAL A 239 -13.21 3.33 4.43
N VAL A 240 -12.42 4.39 4.34
CA VAL A 240 -12.82 5.72 4.77
C VAL A 240 -13.09 6.54 3.53
N ALA A 241 -14.32 7.00 3.37
CA ALA A 241 -14.73 7.79 2.21
C ALA A 241 -15.14 9.17 2.69
N VAL A 242 -14.59 10.21 2.06
CA VAL A 242 -14.90 11.59 2.43
C VAL A 242 -15.39 12.35 1.20
N ASP A 243 -16.28 13.30 1.44
CA ASP A 243 -16.83 14.10 0.36
C ASP A 243 -16.92 15.54 0.86
N VAL A 244 -16.61 16.49 0.00
CA VAL A 244 -16.87 17.89 0.26
C VAL A 244 -17.92 18.34 -0.76
N THR A 245 -19.01 18.88 -0.27
CA THR A 245 -20.11 19.30 -1.12
C THR A 245 -19.82 20.69 -1.69
N PRO A 246 -20.55 21.11 -2.72
CA PRO A 246 -20.38 22.48 -3.21
C PRO A 246 -20.53 23.53 -2.12
N THR A 247 -21.48 23.33 -1.21
CA THR A 247 -21.63 24.22 -0.06
C THR A 247 -20.43 24.17 0.88
N GLY A 248 -19.45 23.31 0.61
CA GLY A 248 -18.29 23.18 1.46
C GLY A 248 -18.52 22.39 2.73
N LYS A 249 -19.54 21.54 2.76
CA LYS A 249 -19.79 20.69 3.91
C LYS A 249 -19.10 19.36 3.69
N MET A 250 -18.41 18.88 4.72
CA MET A 250 -17.68 17.61 4.67
C MET A 250 -18.55 16.54 5.29
N THR A 251 -18.71 15.43 4.57
CA THR A 251 -19.31 14.22 5.13
C THR A 251 -18.26 13.12 5.05
N ALA A 252 -18.46 12.07 5.85
CA ALA A 252 -17.50 10.97 5.85
C ALA A 252 -18.20 9.70 6.30
N SER A 253 -17.73 8.57 5.77
CA SER A 253 -18.22 7.26 6.18
C SER A 253 -17.03 6.34 6.39
N VAL A 254 -17.20 5.38 7.29
CA VAL A 254 -16.18 4.37 7.56
C VAL A 254 -16.86 3.03 7.49
N SER A 255 -16.41 2.18 6.57
CA SER A 255 -17.05 0.88 6.32
C SER A 255 -16.07 -0.22 6.65
N LEU A 256 -16.50 -1.17 7.47
CA LEU A 256 -15.62 -2.28 7.86
C LEU A 256 -15.41 -3.22 6.68
N LEU A 257 -14.19 -3.75 6.56
CA LEU A 257 -13.95 -4.92 5.71
C LEU A 257 -14.18 -6.13 6.60
N PRO A 258 -15.23 -6.92 6.37
CA PRO A 258 -15.57 -7.97 7.33
C PRO A 258 -14.57 -9.11 7.33
N MET A 259 -14.64 -9.93 8.39
CA MET A 259 -13.76 -11.10 8.50
C MET A 259 -13.93 -12.05 7.33
N SER A 260 -15.10 -12.05 6.70
CA SER A 260 -15.32 -12.90 5.54
C SER A 260 -14.62 -12.40 4.29
N GLU A 261 -14.06 -11.18 4.34
CA GLU A 261 -13.36 -10.61 3.19
C GLU A 261 -11.89 -10.30 3.44
N SER A 262 -11.44 -10.21 4.70
CA SER A 262 -10.05 -9.85 4.92
C SER A 262 -9.59 -10.27 6.30
N TYR A 263 -8.26 -10.30 6.46
CA TYR A 263 -7.58 -10.73 7.67
C TYR A 263 -7.35 -9.53 8.61
N ILE A 264 -6.50 -9.70 9.60
CA ILE A 264 -6.25 -8.65 10.58
C ILE A 264 -5.93 -7.33 9.87
N GLY A 265 -6.37 -6.22 10.47
CA GLY A 265 -6.09 -4.89 9.96
C GLY A 265 -4.64 -4.68 9.61
N SER A 266 -4.37 -4.29 8.36
CA SER A 266 -2.99 -4.24 7.87
C SER A 266 -2.77 -3.04 6.98
N GLU A 267 -1.50 -2.71 6.78
CA GLU A 267 -1.13 -1.64 5.88
C GLU A 267 -1.51 -1.99 4.45
N GLY A 268 -1.67 -0.95 3.65
CA GLY A 268 -2.12 -1.09 2.28
C GLY A 268 -2.45 0.28 1.72
N GLY A 269 -3.09 0.27 0.55
CA GLY A 269 -3.47 1.52 -0.08
C GLY A 269 -4.62 1.29 -1.04
N VAL A 270 -5.19 2.40 -1.51
CA VAL A 270 -6.27 2.37 -2.49
C VAL A 270 -5.67 2.56 -3.87
N ILE A 271 -6.15 1.77 -4.82
CA ILE A 271 -5.62 1.72 -6.17
C ILE A 271 -6.70 2.22 -7.10
N ASP A 272 -6.33 3.12 -8.00
CA ASP A 272 -7.25 3.61 -9.01
C ASP A 272 -7.25 2.64 -10.19
N LYS A 273 -8.42 2.29 -10.69
CA LYS A 273 -8.53 1.48 -11.89
C LYS A 273 -9.67 2.02 -12.73
N PRO A 274 -9.70 1.71 -14.02
CA PRO A 274 -10.82 2.18 -14.85
C PRO A 274 -12.12 1.63 -14.31
N GLY A 275 -13.04 2.52 -13.96
CA GLY A 275 -14.38 2.13 -13.57
C GLY A 275 -14.56 1.78 -12.10
N GLY A 276 -13.55 1.99 -11.26
CA GLY A 276 -13.70 1.68 -9.86
C GLY A 276 -12.40 1.89 -9.10
N TYR A 277 -12.19 1.08 -8.05
CA TYR A 277 -10.97 1.18 -7.26
C TYR A 277 -10.70 -0.17 -6.63
N GLY A 278 -9.49 -0.32 -6.11
CA GLY A 278 -9.11 -1.52 -5.42
C GLY A 278 -8.42 -1.19 -4.10
N LEU A 279 -8.30 -2.22 -3.28
CA LEU A 279 -7.70 -2.14 -1.96
C LEU A 279 -6.57 -3.17 -1.93
N MET A 280 -5.33 -2.69 -1.92
CA MET A 280 -4.16 -3.55 -1.91
C MET A 280 -3.64 -3.66 -0.48
N ILE A 281 -3.54 -4.87 0.04
CA ILE A 281 -3.27 -5.09 1.45
C ILE A 281 -2.06 -5.99 1.64
N SER A 282 -1.18 -5.61 2.56
CA SER A 282 0.00 -6.37 2.95
C SER A 282 -0.23 -6.86 4.38
N ASN A 283 -0.77 -8.07 4.50
CA ASN A 283 -1.24 -8.61 5.78
C ASN A 283 -0.13 -8.61 6.82
N LYS A 284 -0.49 -8.27 8.07
CA LYS A 284 0.41 -8.45 9.20
C LYS A 284 0.53 -9.92 9.59
N GLY A 285 -0.51 -10.71 9.31
CA GLY A 285 -0.75 -11.95 9.99
C GLY A 285 -0.43 -13.19 9.20
N TRP A 286 -0.95 -14.32 9.69
CA TRP A 286 -0.53 -15.65 9.25
C TRP A 286 -0.88 -15.95 7.80
N PHE A 287 -1.88 -15.31 7.21
CA PHE A 287 -2.14 -15.53 5.79
C PHE A 287 -1.16 -14.64 5.03
N ALA A 288 0.05 -15.15 4.83
CA ALA A 288 1.20 -14.31 4.51
C ALA A 288 1.38 -14.13 2.99
N ARG A 289 0.38 -13.55 2.36
CA ARG A 289 0.37 -13.27 0.93
C ARG A 289 -0.32 -11.95 0.68
N ILE A 290 0.12 -11.23 -0.37
CA ILE A 290 -0.58 -10.04 -0.82
C ILE A 290 -2.02 -10.40 -1.20
N ARG A 291 -2.94 -9.48 -0.90
CA ARG A 291 -4.33 -9.63 -1.32
C ARG A 291 -4.83 -8.30 -1.89
N TYR A 292 -5.74 -8.38 -2.85
CA TYR A 292 -6.23 -7.19 -3.56
C TYR A 292 -7.72 -7.35 -3.76
N GLY A 293 -8.49 -6.40 -3.23
CA GLY A 293 -9.94 -6.46 -3.35
C GLY A 293 -10.43 -5.28 -4.16
N GLN A 294 -11.26 -5.51 -5.17
CA GLN A 294 -11.63 -4.42 -6.06
C GLN A 294 -13.13 -4.39 -6.29
N THR A 295 -13.62 -3.20 -6.65
CA THR A 295 -15.03 -3.05 -6.95
C THR A 295 -15.41 -3.93 -8.14
N ASP A 296 -16.61 -4.49 -8.06
CA ASP A 296 -17.09 -5.47 -9.04
C ASP A 296 -18.55 -5.12 -9.30
N ARG A 297 -18.79 -4.38 -10.38
CA ARG A 297 -20.17 -3.98 -10.71
C ARG A 297 -21.01 -5.20 -11.06
N ALA A 298 -20.48 -6.10 -11.88
CA ALA A 298 -21.22 -7.30 -12.27
C ALA A 298 -21.69 -8.07 -11.04
N SER A 299 -20.77 -8.41 -10.16
CA SER A 299 -21.12 -9.17 -8.97
C SER A 299 -21.93 -8.29 -8.01
N PRO A 300 -23.05 -8.78 -7.48
CA PRO A 300 -23.75 -8.00 -6.44
C PRO A 300 -22.85 -7.67 -5.27
N GLN A 301 -21.83 -8.49 -4.99
CA GLN A 301 -20.90 -8.22 -3.92
C GLN A 301 -20.14 -6.92 -4.18
N ARG A 302 -19.74 -6.26 -3.09
CA ARG A 302 -18.99 -5.01 -3.23
C ARG A 302 -17.61 -5.27 -3.83
N TYR A 303 -16.81 -6.13 -3.18
CA TYR A 303 -15.42 -6.34 -3.57
C TYR A 303 -15.16 -7.79 -3.95
N GLU A 304 -14.42 -7.98 -5.05
CA GLU A 304 -13.92 -9.27 -5.48
C GLU A 304 -12.45 -9.33 -5.09
N TRP A 305 -12.02 -10.46 -4.55
CA TRP A 305 -10.70 -10.57 -3.92
C TRP A 305 -9.79 -11.50 -4.70
N THR A 306 -8.53 -11.08 -4.81
CA THR A 306 -7.47 -11.87 -5.43
C THR A 306 -6.41 -12.14 -4.38
N ASP A 307 -6.03 -13.41 -4.21
CA ASP A 307 -4.92 -13.80 -3.36
C ASP A 307 -3.72 -14.06 -4.26
N TYR A 308 -2.58 -13.44 -3.96
CA TYR A 308 -1.37 -13.67 -4.76
C TYR A 308 -0.51 -14.67 -4.01
N MET A 309 -0.79 -15.97 -4.24
CA MET A 309 0.02 -17.00 -3.59
C MET A 309 1.50 -16.88 -3.96
N SER A 310 1.81 -16.27 -5.11
CA SER A 310 3.19 -16.12 -5.56
C SER A 310 3.94 -15.00 -4.85
N PHE A 311 3.24 -14.12 -4.13
CA PHE A 311 3.84 -12.89 -3.56
C PHE A 311 3.67 -12.93 -2.04
N GLU A 312 4.71 -13.39 -1.35
CA GLU A 312 4.70 -13.44 0.10
C GLU A 312 4.87 -12.04 0.68
N THR A 313 4.26 -11.82 1.84
CA THR A 313 4.50 -10.63 2.64
C THR A 313 5.84 -10.81 3.34
N PRO A 314 6.29 -9.82 4.12
CA PRO A 314 7.53 -9.99 4.91
C PRO A 314 7.38 -10.92 6.12
N TYR A 315 6.23 -11.61 6.23
CA TYR A 315 5.93 -12.41 7.42
C TYR A 315 7.06 -13.35 7.80
N TYR A 316 7.63 -14.05 6.82
CA TYR A 316 8.58 -15.12 7.12
C TYR A 316 9.97 -14.60 7.50
N LEU A 317 10.21 -13.29 7.40
CA LEU A 317 11.44 -12.72 7.95
C LEU A 317 11.48 -12.87 9.47
N TYR A 318 10.32 -12.84 10.13
CA TYR A 318 10.28 -12.78 11.59
C TYR A 318 9.33 -13.76 12.24
N CYS A 319 8.55 -14.51 11.46
CA CYS A 319 7.61 -15.51 11.97
C CYS A 319 7.86 -16.85 11.29
N SER A 320 7.57 -17.92 12.01
CA SER A 320 7.78 -19.27 11.48
C SER A 320 6.86 -19.54 10.31
N GLY A 321 7.35 -20.35 9.38
CA GLY A 321 6.61 -20.73 8.19
C GLY A 321 5.93 -22.07 8.33
N GLY A 322 5.69 -22.70 7.19
CA GLY A 322 4.94 -23.95 7.14
C GLY A 322 3.59 -23.76 6.49
N ARG A 323 2.73 -24.75 6.69
CA ARG A 323 1.39 -24.70 6.11
C ARG A 323 0.66 -23.45 6.62
N ILE A 324 -0.06 -22.80 5.73
CA ILE A 324 -0.77 -21.56 6.08
C ILE A 324 -1.86 -21.91 7.09
N CYS A 325 -1.70 -21.42 8.33
CA CYS A 325 -2.57 -21.76 9.45
C CYS A 325 -2.66 -20.59 10.41
N PRO A 326 -3.78 -20.41 11.08
CA PRO A 326 -3.90 -19.30 12.04
C PRO A 326 -3.01 -19.51 13.26
N VAL A 327 -2.14 -18.53 13.50
CA VAL A 327 -1.29 -18.45 14.68
C VAL A 327 -1.22 -16.99 15.09
N SER A 328 -0.62 -16.73 16.25
CA SER A 328 -0.57 -15.37 16.79
C SER A 328 0.55 -14.53 16.20
N CYS A 329 1.65 -15.12 15.72
CA CYS A 329 2.78 -14.31 15.26
C CYS A 329 2.35 -13.36 14.15
N LYS A 330 2.82 -12.12 14.23
CA LYS A 330 2.53 -11.10 13.23
C LYS A 330 3.80 -10.32 12.94
N THR A 331 3.84 -9.68 11.77
CA THR A 331 4.89 -8.72 11.48
C THR A 331 4.27 -7.35 11.31
N TRP A 332 4.99 -6.32 11.72
CA TRP A 332 4.55 -4.97 11.37
C TRP A 332 5.19 -4.46 10.09
N ASN A 333 6.15 -5.18 9.53
CA ASN A 333 6.66 -4.79 8.22
C ASN A 333 5.57 -4.96 7.17
N PHE A 334 5.71 -4.21 6.08
CA PHE A 334 4.68 -4.26 5.05
C PHE A 334 5.26 -3.88 3.69
N THR A 335 4.65 -4.40 2.64
CA THR A 335 5.08 -4.16 1.27
C THR A 335 3.82 -4.03 0.41
N VAL A 336 3.52 -2.82 -0.04
CA VAL A 336 2.28 -2.56 -0.78
C VAL A 336 2.62 -2.53 -2.27
N PRO A 337 2.18 -3.51 -3.05
CA PRO A 337 2.38 -3.47 -4.50
C PRO A 337 1.38 -2.52 -5.17
N THR A 338 1.51 -2.40 -6.49
CA THR A 338 0.48 -1.75 -7.29
C THR A 338 0.18 -2.62 -8.51
N ILE A 339 -0.86 -2.25 -9.26
CA ILE A 339 -1.33 -3.01 -10.40
C ILE A 339 -0.66 -2.52 -11.67
N LEU A 340 -0.42 -3.45 -12.60
CA LEU A 340 0.08 -3.13 -13.93
C LEU A 340 -0.93 -3.38 -15.03
N ASN A 341 -2.10 -3.92 -14.71
CA ASN A 341 -3.18 -4.01 -15.68
C ASN A 341 -4.51 -3.64 -15.01
N PRO A 342 -5.56 -3.41 -15.79
CA PRO A 342 -6.81 -2.88 -15.20
C PRO A 342 -7.41 -3.78 -14.13
N SER A 343 -7.25 -5.10 -14.26
CA SER A 343 -7.84 -6.06 -13.34
C SER A 343 -6.94 -6.40 -12.15
N GLY A 344 -5.71 -5.92 -12.13
CA GLY A 344 -4.81 -6.33 -11.07
C GLY A 344 -4.35 -7.76 -11.14
N SER A 345 -4.58 -8.46 -12.24
CA SER A 345 -4.02 -9.80 -12.35
C SER A 345 -2.52 -9.80 -12.57
N ILE A 346 -1.92 -8.63 -12.81
CA ILE A 346 -0.47 -8.48 -12.80
C ILE A 346 -0.16 -7.35 -11.83
N ILE A 347 0.73 -7.60 -10.86
CA ILE A 347 1.10 -6.60 -9.88
C ILE A 347 2.61 -6.51 -9.82
N ILE A 348 3.09 -5.43 -9.22
CA ILE A 348 4.51 -5.19 -9.04
C ILE A 348 4.75 -4.59 -7.66
N GLY A 349 5.79 -5.08 -6.98
CA GLY A 349 6.12 -4.52 -5.69
C GLY A 349 7.56 -4.84 -5.31
N VAL A 350 7.91 -4.48 -4.09
CA VAL A 350 9.29 -4.59 -3.63
C VAL A 350 9.31 -5.29 -2.29
N LYS A 351 10.10 -6.36 -2.18
CA LYS A 351 10.15 -7.09 -0.92
C LYS A 351 10.95 -6.33 0.13
N ALA A 352 10.63 -6.62 1.38
CA ALA A 352 11.35 -6.04 2.52
C ALA A 352 12.62 -6.85 2.78
N LYS A 353 13.34 -6.50 3.84
CA LYS A 353 14.65 -7.10 4.04
C LYS A 353 15.01 -7.11 5.52
N SER A 354 15.46 -8.26 6.00
CA SER A 354 15.98 -8.43 7.36
C SER A 354 17.49 -8.34 7.33
N LYS A 355 18.07 -8.08 8.49
CA LYS A 355 19.53 -8.06 8.55
C LYS A 355 20.14 -9.45 8.67
N THR A 356 19.33 -10.52 8.67
CA THR A 356 19.81 -11.88 8.86
C THR A 356 19.23 -12.82 7.81
N GLY A 357 19.76 -14.05 7.80
CA GLY A 357 19.17 -15.13 7.02
C GLY A 357 19.25 -15.01 5.51
N ASN A 358 20.31 -14.42 4.96
CA ASN A 358 20.43 -14.18 3.51
C ASN A 358 19.25 -13.38 2.98
N SER A 359 18.63 -12.57 3.82
CA SER A 359 17.49 -11.79 3.37
C SER A 359 17.95 -10.76 2.35
N ALA A 360 17.19 -10.64 1.26
CA ALA A 360 17.47 -9.67 0.22
C ALA A 360 16.17 -9.07 -0.28
N SER A 361 16.21 -7.77 -0.57
CA SER A 361 15.09 -7.13 -1.23
C SER A 361 15.07 -7.50 -2.71
N MET A 362 13.86 -7.53 -3.27
CA MET A 362 13.69 -7.80 -4.69
C MET A 362 12.58 -6.93 -5.23
N ILE A 363 12.72 -6.46 -6.46
CA ILE A 363 11.56 -6.01 -7.22
C ILE A 363 10.96 -7.25 -7.85
N THR A 364 9.64 -7.38 -7.78
CA THR A 364 8.99 -8.57 -8.32
C THR A 364 7.72 -8.17 -9.08
N ILE A 365 7.50 -8.81 -10.21
CA ILE A 365 6.29 -8.69 -11.01
C ILE A 365 5.61 -10.05 -11.00
N ASN A 366 4.33 -10.10 -10.63
CA ASN A 366 3.65 -11.35 -10.33
C ASN A 366 2.23 -11.37 -10.90
N THR A 367 1.78 -12.57 -11.24
CA THR A 367 0.37 -12.91 -11.33
C THR A 367 -0.04 -13.58 -10.04
N PRO A 368 -1.32 -13.89 -9.84
CA PRO A 368 -1.69 -14.55 -8.59
C PRO A 368 -0.88 -15.79 -8.31
N ASP A 369 -0.57 -16.61 -9.32
CA ASP A 369 0.09 -17.89 -9.11
C ASP A 369 1.53 -17.96 -9.62
N GLU A 370 2.05 -16.94 -10.27
CA GLU A 370 3.38 -17.04 -10.87
C GLU A 370 4.18 -15.77 -10.62
N VAL A 371 5.50 -15.91 -10.76
CA VAL A 371 6.43 -14.79 -10.83
C VAL A 371 6.77 -14.56 -12.29
N ILE A 372 6.50 -13.35 -12.79
CA ILE A 372 6.88 -12.99 -14.16
C ILE A 372 8.34 -12.59 -14.23
N ASP A 373 8.80 -11.78 -13.27
CA ASP A 373 10.18 -11.30 -13.30
C ASP A 373 10.54 -10.84 -11.89
N GLN A 374 11.82 -10.93 -11.56
CA GLN A 374 12.29 -10.46 -10.26
C GLN A 374 13.74 -10.01 -10.40
N TYR A 375 14.16 -9.15 -9.48
CA TYR A 375 15.50 -8.57 -9.56
C TYR A 375 15.92 -8.22 -8.14
N GLU A 376 17.08 -8.74 -7.72
CA GLU A 376 17.59 -8.42 -6.38
C GLU A 376 18.14 -7.01 -6.38
N VAL A 377 17.79 -6.23 -5.35
CA VAL A 377 18.05 -4.80 -5.32
C VAL A 377 18.33 -4.36 -3.89
N PHE A 378 18.80 -3.11 -3.75
CA PHE A 378 18.95 -2.46 -2.45
C PHE A 378 20.00 -3.14 -1.56
N ASN A 379 21.13 -3.50 -2.16
CA ASN A 379 22.25 -3.98 -1.37
C ASN A 379 22.85 -2.88 -0.50
N ASP A 380 22.51 -1.62 -0.78
CA ASP A 380 22.96 -0.54 0.07
C ASP A 380 22.18 -0.44 1.38
N TYR A 381 21.10 -1.20 1.54
CA TYR A 381 20.35 -1.20 2.79
C TYR A 381 20.64 -2.48 3.56
N GLN A 382 20.96 -2.34 4.85
CA GLN A 382 21.10 -3.54 5.66
C GLN A 382 19.74 -4.14 6.04
N SER A 383 18.70 -3.31 6.11
CA SER A 383 17.35 -3.80 6.36
C SER A 383 16.37 -2.83 5.73
N ILE A 384 15.18 -3.33 5.41
CA ILE A 384 14.08 -2.54 4.87
C ILE A 384 12.82 -3.01 5.59
N GLY A 385 12.13 -2.07 6.27
CA GLY A 385 10.96 -2.46 7.04
C GLY A 385 9.64 -2.24 6.33
N SER A 386 9.63 -1.39 5.31
CA SER A 386 8.40 -1.14 4.57
C SER A 386 8.72 -0.67 3.16
N THR A 387 7.83 -1.03 2.23
CA THR A 387 7.89 -0.55 0.86
C THR A 387 6.48 -0.25 0.36
N ILE A 388 6.38 0.77 -0.49
CA ILE A 388 5.16 1.12 -1.21
C ILE A 388 5.57 1.38 -2.65
N THR A 389 4.99 0.65 -3.59
CA THR A 389 5.35 0.81 -5.01
C THR A 389 4.22 1.53 -5.74
N LYS A 390 4.58 2.48 -6.59
CA LYS A 390 3.59 3.20 -7.38
C LYS A 390 4.16 3.38 -8.78
N CYS A 391 3.31 3.25 -9.79
CA CYS A 391 3.76 3.38 -11.17
C CYS A 391 3.04 4.51 -11.90
N PHE A 392 3.67 4.99 -12.97
CA PHE A 392 3.22 6.20 -13.65
C PHE A 392 3.86 6.23 -15.02
N SER A 393 3.42 7.17 -15.84
CA SER A 393 4.00 7.41 -17.16
C SER A 393 4.97 8.56 -17.06
N TYR A 394 6.19 8.36 -17.57
CA TYR A 394 7.20 9.41 -17.57
C TYR A 394 7.96 9.32 -18.87
N LYS A 395 8.01 10.42 -19.63
CA LYS A 395 8.63 10.45 -20.94
C LYS A 395 8.01 9.38 -21.84
N ARG A 396 6.70 9.20 -21.70
CA ARG A 396 5.89 8.30 -22.51
C ARG A 396 6.23 6.83 -22.29
N GLN A 397 6.85 6.51 -21.15
CA GLN A 397 7.24 5.14 -20.85
C GLN A 397 6.79 4.77 -19.44
N PRO A 398 6.56 3.48 -19.19
CA PRO A 398 6.14 3.05 -17.85
C PRO A 398 7.30 3.08 -16.86
N TRP A 399 7.07 3.74 -15.73
CA TRP A 399 8.06 3.88 -14.69
C TRP A 399 7.40 3.59 -13.36
N CYS A 400 8.20 3.19 -12.38
CA CYS A 400 7.69 3.00 -11.03
C CYS A 400 8.63 3.67 -10.03
N LEU A 401 8.06 4.01 -8.88
CA LEU A 401 8.86 4.43 -7.75
C LEU A 401 8.55 3.51 -6.58
N VAL A 402 9.47 3.45 -5.64
CA VAL A 402 9.24 2.76 -4.38
C VAL A 402 9.62 3.70 -3.24
N LEU A 403 8.69 3.88 -2.31
CA LEU A 403 8.91 4.60 -1.08
C LEU A 403 9.23 3.56 -0.03
N LEU A 404 10.41 3.65 0.56
CA LEU A 404 10.79 2.65 1.55
C LEU A 404 11.34 3.29 2.80
N GLU A 405 11.28 2.52 3.88
CA GLU A 405 11.92 2.86 5.13
C GLU A 405 12.90 1.75 5.48
N GLY A 406 14.14 2.12 5.77
CA GLY A 406 15.14 1.09 6.01
C GLY A 406 16.40 1.70 6.58
N VAL A 407 17.36 0.82 6.89
CA VAL A 407 18.63 1.22 7.50
C VAL A 407 19.72 1.10 6.45
N LEU A 408 20.45 2.19 6.23
CA LEU A 408 21.55 2.15 5.30
C LEU A 408 22.74 1.42 5.91
N LYS A 409 23.39 0.57 5.10
CA LYS A 409 24.50 -0.22 5.61
C LYS A 409 25.71 0.66 5.92
N SER A 410 26.03 1.60 5.03
CA SER A 410 27.26 2.36 5.21
C SER A 410 27.26 3.13 6.52
N THR A 411 26.12 3.70 6.90
CA THR A 411 26.05 4.60 8.05
C THR A 411 25.19 4.12 9.19
N GLY A 412 24.41 3.05 9.02
CA GLY A 412 23.54 2.62 10.08
C GLY A 412 22.40 3.55 10.38
N VAL A 413 22.14 4.52 9.49
CA VAL A 413 21.11 5.52 9.68
C VAL A 413 19.80 5.02 9.09
N THR A 414 18.71 5.14 9.86
CA THR A 414 17.38 4.82 9.34
C THR A 414 16.90 5.97 8.49
N GLU A 415 16.38 5.66 7.30
CA GLU A 415 16.04 6.65 6.30
C GLU A 415 14.68 6.33 5.72
N THR A 416 14.00 7.36 5.23
CA THR A 416 12.88 7.20 4.31
C THR A 416 13.36 7.67 2.94
N SER A 417 13.16 6.86 1.92
CA SER A 417 13.72 7.18 0.61
C SER A 417 12.74 6.81 -0.49
N ILE A 418 12.88 7.49 -1.62
CA ILE A 418 12.13 7.18 -2.83
C ILE A 418 13.13 6.98 -3.96
N GLN A 419 12.99 5.88 -4.68
CA GLN A 419 13.84 5.53 -5.81
C GLN A 419 12.94 5.09 -6.95
N THR A 420 13.46 5.14 -8.18
CA THR A 420 12.67 4.84 -9.35
C THR A 420 13.35 3.81 -10.23
N PHE A 421 12.55 3.18 -11.10
CA PHE A 421 13.07 2.23 -12.06
C PHE A 421 12.07 2.10 -13.20
N LYS A 422 12.58 1.80 -14.39
CA LYS A 422 11.74 1.68 -15.57
C LYS A 422 11.25 0.24 -15.71
N ILE A 423 10.06 0.10 -16.30
CA ILE A 423 9.45 -1.17 -16.64
C ILE A 423 9.47 -1.31 -18.15
N PHE A 424 9.63 -2.54 -18.64
CA PHE A 424 9.63 -2.85 -20.07
C PHE A 424 8.39 -3.68 -20.39
N ARG A 425 7.51 -3.14 -21.23
CA ARG A 425 6.31 -3.86 -21.64
C ARG A 425 6.48 -4.45 -23.04
N SER A 426 6.01 -5.67 -23.22
CA SER A 426 5.99 -6.28 -24.55
C SER A 426 4.71 -7.09 -24.71
N CYS A 427 4.43 -7.49 -25.95
CA CYS A 427 3.33 -8.38 -26.26
C CYS A 427 3.92 -9.66 -26.81
N VAL A 428 3.56 -10.80 -26.23
CA VAL A 428 4.29 -12.04 -26.48
C VAL A 428 3.36 -13.18 -26.85
N LYS A 429 3.92 -14.13 -27.62
CA LYS A 429 3.17 -15.34 -27.97
C LYS A 429 2.86 -16.16 -26.73
N HIS A 430 3.86 -16.40 -25.89
CA HIS A 430 3.67 -17.14 -24.64
C HIS A 430 4.34 -16.37 -23.52
N ARG A 431 3.59 -16.04 -22.47
CA ARG A 431 4.21 -15.36 -21.36
C ARG A 431 5.10 -16.32 -20.60
N THR A 432 6.31 -15.88 -20.25
CA THR A 432 7.21 -16.71 -19.46
C THR A 432 7.21 -16.31 -18.00
N TYR A 433 7.52 -17.29 -17.15
CA TYR A 433 7.53 -17.13 -15.71
C TYR A 433 8.80 -17.76 -15.17
N LEU A 434 9.08 -17.50 -13.90
CA LEU A 434 10.25 -18.05 -13.23
C LEU A 434 9.82 -19.15 -12.25
N ASP A 435 10.46 -20.31 -12.32
CA ASP A 435 10.19 -21.33 -11.32
C ASP A 435 10.99 -21.05 -10.04
N SER A 436 10.83 -21.92 -9.05
CA SER A 436 11.41 -21.66 -7.73
C SER A 436 12.92 -21.66 -7.76
N LEU A 437 13.52 -22.23 -8.81
CA LEU A 437 14.97 -22.23 -8.97
C LEU A 437 15.46 -21.18 -9.96
N GLY A 438 14.58 -20.32 -10.46
CA GLY A 438 15.00 -19.28 -11.37
C GLY A 438 15.09 -19.68 -12.82
N THR A 439 14.61 -20.86 -13.19
CA THR A 439 14.50 -21.23 -14.59
C THR A 439 13.23 -20.64 -15.18
N ARG A 440 13.35 -20.07 -16.38
CA ARG A 440 12.21 -19.47 -17.05
C ARG A 440 11.46 -20.53 -17.84
N PHE A 441 10.13 -20.47 -17.81
CA PHE A 441 9.28 -21.45 -18.47
C PHE A 441 8.00 -20.78 -18.97
N TYR A 442 7.28 -21.48 -19.84
CA TYR A 442 5.96 -21.04 -20.27
C TYR A 442 5.06 -22.25 -20.42
N TYR A 443 3.75 -21.97 -20.48
CA TYR A 443 2.74 -23.02 -20.59
C TYR A 443 2.29 -23.13 -22.05
N THR A 444 2.29 -24.37 -22.56
CA THR A 444 1.79 -24.65 -23.90
C THR A 444 0.37 -25.18 -23.75
N VAL A 445 -0.58 -24.25 -23.56
CA VAL A 445 -1.96 -24.64 -23.32
C VAL A 445 -2.51 -25.44 -24.51
N SER A 446 -3.56 -26.21 -24.23
CA SER A 446 -4.17 -27.09 -25.22
C SER A 446 -5.70 -26.93 -25.18
N ASP A 447 -6.34 -27.28 -26.29
CA ASP A 447 -7.77 -27.06 -26.43
C ASP A 447 -8.60 -27.98 -25.55
N ASN A 448 -8.09 -29.18 -25.24
CA ASN A 448 -8.82 -30.10 -24.39
C ASN A 448 -8.81 -29.70 -22.92
N GLY A 449 -8.06 -28.66 -22.56
CA GLY A 449 -8.06 -28.16 -21.19
C GLY A 449 -6.85 -28.59 -20.38
N ASN A 450 -5.66 -28.50 -20.97
CA ASN A 450 -4.44 -28.91 -20.31
C ASN A 450 -3.34 -27.89 -20.54
N LYS A 451 -2.40 -27.84 -19.60
CA LYS A 451 -1.25 -26.94 -19.65
C LYS A 451 0.00 -27.73 -19.30
N THR A 452 1.08 -27.48 -20.04
CA THR A 452 2.37 -28.11 -19.77
C THR A 452 3.47 -27.06 -19.89
N LYS A 453 4.49 -27.20 -19.05
CA LYS A 453 5.59 -26.24 -19.03
C LYS A 453 6.60 -26.54 -20.12
N GLN A 454 7.47 -25.56 -20.38
CA GLN A 454 8.53 -25.66 -21.37
C GLN A 454 9.59 -24.64 -20.98
N THR A 455 10.87 -25.03 -21.09
CA THR A 455 11.96 -24.21 -20.61
C THR A 455 12.42 -23.22 -21.67
N TYR A 456 12.55 -21.95 -21.27
CA TYR A 456 13.03 -20.90 -22.16
C TYR A 456 14.54 -20.89 -22.13
N ILE A 457 15.16 -21.27 -23.25
CA ILE A 457 16.62 -21.28 -23.37
C ILE A 457 17.04 -19.95 -24.00
N PRO A 458 17.79 -19.10 -23.28
CA PRO A 458 18.22 -17.78 -23.80
C PRO A 458 19.25 -17.91 -24.91
#